data_2EA1
#
_entry.id   2EA1
#
_cell.length_a   43.200
_cell.length_b   49.870
_cell.length_c   54.520
_cell.angle_alpha   90.00
_cell.angle_beta   96.37
_cell.angle_gamma   90.00
#
_symmetry.space_group_name_H-M   'P 1 21 1'
#
loop_
_entity.id
_entity.type
_entity.pdbx_description
1 polymer 'Ribonuclease I'
2 non-polymer "GUANYLYL-2',5'-PHOSPHOGUANOSINE"
3 water water
#
_entity_poly.entity_id   1
_entity_poly.type   'polypeptide(L)'
_entity_poly.pdbx_seq_one_letter_code
;LALQAKQYGDFDRYVLALSWQTGFCQSQHDRNRNERDECRLQTETTNKADFLTVHGLWPGLPKSVAARGVDERRWMRFGC
ATRPIPNLPEARASRMCSSPETGLSLETAAKLSEVMPGAGGRSCLERYEYAKHGACFGFDPDAYFGTMVRLNQEIKESEA
GKFLADNYGKTVSRRDFDAAFAKSWGKENVKAVKLTCQGNPAYLTEIQISIKADAINAPLSANSFLPQPHPGNCGKTFVI
DKAGY
;
_entity_poly.pdbx_strand_id   A
#
loop_
_chem_comp.id
_chem_comp.type
_chem_comp.name
_chem_comp.formula
GPG non-polymer GUANYLYL-2',5'-PHOSPHOGUANOSINE 'C20 H25 N10 O12 P'
#
# COMPACT_ATOMS: atom_id res chain seq x y z
N LEU A 1 2.06 0.71 19.58
CA LEU A 1 0.76 1.21 20.11
C LEU A 1 -0.32 1.15 19.03
N ALA A 2 -1.58 1.20 19.46
CA ALA A 2 -2.67 1.06 18.51
C ALA A 2 -2.87 2.31 17.66
N LEU A 3 -3.31 2.09 16.41
CA LEU A 3 -3.63 3.18 15.50
C LEU A 3 -5.03 3.68 15.77
N GLN A 4 -5.15 4.98 15.98
CA GLN A 4 -6.46 5.55 16.29
C GLN A 4 -6.53 6.95 15.70
N ALA A 5 -7.62 7.24 15.01
CA ALA A 5 -7.85 8.57 14.44
C ALA A 5 -8.37 9.43 15.59
N LYS A 6 -7.81 10.62 15.70
CA LYS A 6 -8.23 11.64 16.68
C LYS A 6 -9.33 12.56 16.11
N GLN A 7 -9.45 12.62 14.78
CA GLN A 7 -10.52 13.38 14.10
C GLN A 7 -10.89 12.61 12.84
N TYR A 8 -12.06 12.90 12.27
CA TYR A 8 -12.48 12.27 11.02
C TYR A 8 -12.42 10.74 11.11
N GLY A 9 -12.58 10.20 12.32
CA GLY A 9 -12.46 8.77 12.55
C GLY A 9 -13.60 7.95 11.97
N ASP A 10 -14.57 8.63 11.39
CA ASP A 10 -15.80 7.98 10.90
C ASP A 10 -15.74 7.34 9.49
N PHE A 11 -14.70 6.54 9.22
CA PHE A 11 -14.57 5.80 7.98
C PHE A 11 -14.58 4.29 8.25
N ASP A 12 -14.91 3.50 7.23
CA ASP A 12 -15.18 2.08 7.45
C ASP A 12 -14.03 1.12 7.09
N ARG A 13 -12.98 1.64 6.45
CA ARG A 13 -11.95 0.76 5.89
C ARG A 13 -10.64 1.50 5.74
N TYR A 14 -9.55 0.74 5.68
CA TYR A 14 -8.28 1.22 5.24
C TYR A 14 -7.92 0.37 4.02
N VAL A 15 -7.20 0.96 3.07
CA VAL A 15 -6.67 0.18 1.94
C VAL A 15 -5.19 0.08 2.21
N LEU A 16 -4.69 -1.15 2.39
CA LEU A 16 -3.26 -1.42 2.51
C LEU A 16 -2.72 -1.51 1.07
N ALA A 17 -1.80 -0.60 0.72
CA ALA A 17 -1.25 -0.55 -0.62
C ALA A 17 0.16 -1.05 -0.61
N LEU A 18 0.42 -2.13 -1.35
CA LEU A 18 1.74 -2.76 -1.37
C LEU A 18 2.25 -2.73 -2.80
N SER A 19 3.54 -2.49 -2.95
CA SER A 19 4.15 -2.45 -4.27
C SER A 19 4.94 -3.72 -4.48
N TRP A 20 4.80 -4.29 -5.68
CA TRP A 20 5.66 -5.40 -6.08
C TRP A 20 6.74 -4.64 -6.80
N GLN A 21 7.73 -4.33 -5.94
CA GLN A 21 8.64 -3.21 -6.06
C GLN A 21 9.53 -3.45 -7.27
N THR A 22 9.68 -4.72 -7.63
CA THR A 22 10.39 -5.12 -8.84
C THR A 22 9.79 -4.44 -10.09
N GLY A 23 8.48 -4.15 -10.01
CA GLY A 23 7.76 -3.36 -11.02
C GLY A 23 7.57 -1.90 -10.62
N PHE A 24 8.16 -1.50 -9.47
CA PHE A 24 8.20 -0.09 -9.02
C PHE A 24 9.44 0.60 -9.60
N CYS A 25 10.37 -0.21 -10.12
CA CYS A 25 11.58 0.28 -10.78
C CYS A 25 11.62 -0.17 -12.26
N GLN A 26 10.80 -1.17 -12.59
CA GLN A 26 10.60 -1.60 -13.99
C GLN A 26 9.54 -0.73 -14.69
N SER A 27 8.62 -0.15 -13.92
CA SER A 27 7.56 0.72 -14.44
C SER A 27 8.08 2.04 -15.00
N GLN A 28 9.10 2.58 -14.33
CA GLN A 28 9.77 3.81 -14.77
C GLN A 28 10.96 3.49 -15.69
N HIS A 29 10.94 2.27 -16.23
CA HIS A 29 11.84 1.81 -17.27
C HIS A 29 10.98 1.48 -18.51
N ASP A 30 9.69 1.22 -18.27
CA ASP A 30 8.70 1.01 -19.33
C ASP A 30 8.25 2.34 -19.94
N ARG A 31 7.71 3.20 -19.07
CA ARG A 31 7.29 4.54 -19.45
C ARG A 31 8.51 5.45 -19.61
N ASN A 32 9.56 5.13 -18.83
CA ASN A 32 10.80 5.92 -18.75
C ASN A 32 10.56 7.39 -18.40
N ARG A 33 10.66 7.70 -17.11
CA ARG A 33 10.37 9.04 -16.61
C ARG A 33 11.44 9.51 -15.63
N ASN A 34 11.58 8.77 -14.53
CA ASN A 34 12.55 9.09 -13.49
C ASN A 34 13.00 7.86 -12.71
N GLU A 35 14.28 7.87 -12.31
CA GLU A 35 14.81 6.86 -11.39
C GLU A 35 15.18 7.53 -10.08
N ARG A 36 15.21 6.75 -9.00
CA ARG A 36 15.46 7.30 -7.67
C ARG A 36 16.62 6.61 -6.96
N ASP A 37 17.20 7.30 -5.99
CA ASP A 37 18.31 6.79 -5.18
C ASP A 37 17.82 5.72 -4.18
N GLU A 38 17.22 4.66 -4.73
CA GLU A 38 16.57 3.61 -3.94
C GLU A 38 16.70 2.25 -4.62
N CYS A 39 16.30 2.18 -5.89
CA CYS A 39 16.41 0.97 -6.70
C CYS A 39 17.87 0.70 -7.06
N ARG A 40 18.73 1.69 -6.78
CA ARG A 40 20.18 1.58 -6.99
C ARG A 40 20.81 0.49 -6.13
N LEU A 41 20.16 0.16 -5.01
CA LEU A 41 20.66 -0.88 -4.09
C LEU A 41 20.87 -2.20 -4.80
N GLN A 42 19.90 -2.59 -5.64
CA GLN A 42 19.96 -3.81 -6.46
C GLN A 42 20.30 -5.04 -5.62
N THR A 43 20.00 -4.97 -4.31
CA THR A 43 20.37 -6.03 -3.39
C THR A 43 19.44 -7.23 -3.56
N GLU A 44 19.94 -8.24 -4.29
CA GLU A 44 19.26 -9.52 -4.39
C GLU A 44 19.30 -10.18 -3.02
N THR A 45 18.16 -10.11 -2.35
CA THR A 45 18.03 -10.53 -0.96
C THR A 45 18.18 -12.05 -0.83
N THR A 46 17.11 -12.72 -0.42
CA THR A 46 17.09 -14.17 -0.23
C THR A 46 15.63 -14.59 -0.28
N ASN A 47 14.81 -13.91 0.52
CA ASN A 47 13.38 -14.10 0.50
C ASN A 47 12.74 -13.25 -0.61
N LYS A 48 12.33 -13.91 -1.67
CA LYS A 48 11.72 -13.25 -2.81
C LYS A 48 10.45 -12.49 -2.39
N ALA A 49 9.86 -12.84 -1.24
CA ALA A 49 8.63 -12.15 -0.77
C ALA A 49 8.93 -10.70 -0.40
N ASP A 50 10.20 -10.45 -0.12
CA ASP A 50 10.62 -9.11 0.29
C ASP A 50 10.61 -8.08 -0.79
N PHE A 51 10.39 -8.50 -2.04
CA PHE A 51 10.15 -7.54 -3.12
C PHE A 51 8.73 -6.93 -3.04
N LEU A 52 7.92 -7.44 -2.13
CA LEU A 52 6.65 -6.82 -1.79
C LEU A 52 6.89 -5.80 -0.68
N THR A 53 6.71 -4.52 -1.01
CA THR A 53 7.02 -3.45 -0.06
C THR A 53 5.79 -2.61 0.26
N VAL A 54 5.89 -1.84 1.35
CA VAL A 54 4.82 -0.93 1.77
C VAL A 54 4.76 0.31 0.91
N HIS A 55 3.56 0.60 0.43
CA HIS A 55 3.29 1.84 -0.29
C HIS A 55 2.53 2.79 0.62
N GLY A 56 1.44 2.30 1.22
CA GLY A 56 0.62 3.15 2.03
C GLY A 56 -0.51 2.43 2.77
N LEU A 57 -1.13 3.18 3.68
CA LEU A 57 -2.33 2.71 4.41
C LEU A 57 -3.31 3.86 4.29
N TRP A 58 -4.33 3.66 3.46
CA TRP A 58 -5.19 4.74 3.06
C TRP A 58 -6.57 4.62 3.64
N PRO A 59 -6.94 5.53 4.58
CA PRO A 59 -8.31 5.47 5.10
C PRO A 59 -9.33 5.73 4.01
N GLY A 60 -10.51 5.12 4.13
CA GLY A 60 -11.53 5.44 3.19
C GLY A 60 -12.18 6.79 3.51
N LEU A 61 -13.18 7.16 2.72
CA LEU A 61 -13.79 8.51 2.81
C LEU A 61 -14.55 8.62 4.14
N PRO A 62 -14.14 9.55 5.01
CA PRO A 62 -14.91 9.69 6.24
C PRO A 62 -16.32 10.21 6.00
N LYS A 63 -17.26 9.67 6.76
CA LYS A 63 -18.67 10.04 6.68
C LYS A 63 -18.87 11.54 6.85
N SER A 64 -18.13 12.17 7.78
CA SER A 64 -18.31 13.62 8.02
C SER A 64 -17.82 14.44 6.81
N VAL A 65 -16.92 13.83 6.03
CA VAL A 65 -16.34 14.46 4.84
C VAL A 65 -17.34 14.31 3.67
N ALA A 66 -17.80 13.09 3.45
CA ALA A 66 -18.81 12.78 2.44
C ALA A 66 -20.07 13.66 2.57
N ALA A 67 -20.48 13.88 3.82
CA ALA A 67 -21.62 14.70 4.15
C ALA A 67 -21.51 16.10 3.57
N ARG A 68 -20.30 16.61 3.39
CA ARG A 68 -20.11 17.97 2.86
C ARG A 68 -19.92 18.00 1.33
N GLY A 69 -20.41 16.98 0.65
CA GLY A 69 -20.35 16.94 -0.82
C GLY A 69 -19.11 16.33 -1.45
N VAL A 70 -18.28 15.65 -0.66
CA VAL A 70 -17.07 15.03 -1.19
C VAL A 70 -17.40 13.60 -1.65
N ASP A 71 -16.99 13.26 -2.88
CA ASP A 71 -17.23 11.92 -3.43
C ASP A 71 -15.96 11.11 -3.41
N GLU A 72 -16.10 9.82 -3.74
CA GLU A 72 -14.96 8.89 -3.77
C GLU A 72 -13.81 9.35 -4.62
N ARG A 73 -14.12 9.86 -5.81
CA ARG A 73 -13.10 10.34 -6.71
C ARG A 73 -12.28 11.41 -6.06
N ARG A 74 -12.95 12.40 -5.48
CA ARG A 74 -12.25 13.51 -4.86
C ARG A 74 -11.44 13.06 -3.68
N TRP A 75 -12.02 12.18 -2.86
CA TRP A 75 -11.30 11.66 -1.67
C TRP A 75 -10.02 10.91 -2.11
N MET A 76 -10.16 10.09 -3.14
CA MET A 76 -9.03 9.34 -3.68
C MET A 76 -7.98 10.27 -4.25
N ARG A 77 -8.42 11.33 -4.92
CA ARG A 77 -7.49 12.28 -5.53
C ARG A 77 -6.76 13.12 -4.51
N PHE A 78 -7.43 13.55 -3.43
CA PHE A 78 -6.79 14.55 -2.56
C PHE A 78 -6.59 14.13 -1.10
N GLY A 79 -7.33 13.11 -0.64
CA GLY A 79 -7.29 12.68 0.77
C GLY A 79 -7.46 13.84 1.74
N CYS A 80 -6.53 13.97 2.67
CA CYS A 80 -6.56 15.04 3.69
C CYS A 80 -6.72 16.47 3.16
N ALA A 81 -6.38 16.66 1.89
CA ALA A 81 -6.42 17.98 1.24
C ALA A 81 -7.74 18.23 0.52
N THR A 82 -8.72 17.32 0.63
CA THR A 82 -9.99 17.54 -0.05
C THR A 82 -10.66 18.83 0.44
N ARG A 83 -11.47 19.43 -0.44
CA ARG A 83 -12.30 20.58 -0.10
C ARG A 83 -13.77 20.22 -0.10
N PRO A 84 -14.57 20.87 0.76
CA PRO A 84 -14.24 21.94 1.74
C PRO A 84 -13.48 21.46 2.99
N ILE A 85 -13.55 20.16 3.30
CA ILE A 85 -12.79 19.60 4.43
C ILE A 85 -12.18 18.26 4.00
N PRO A 86 -11.12 17.78 4.70
CA PRO A 86 -10.41 18.44 5.82
C PRO A 86 -9.51 19.65 5.43
N ASN A 87 -9.27 19.80 4.13
CA ASN A 87 -8.61 20.98 3.56
C ASN A 87 -7.20 21.28 4.10
N LEU A 88 -6.47 20.23 4.48
CA LEU A 88 -5.03 20.38 4.74
C LEU A 88 -4.29 20.67 3.42
N PRO A 89 -3.03 21.15 3.50
CA PRO A 89 -2.30 21.52 2.31
C PRO A 89 -2.07 20.30 1.41
N GLU A 90 -2.23 20.47 0.10
CA GLU A 90 -2.03 19.36 -0.83
C GLU A 90 -0.56 18.96 -0.87
N ALA A 91 -0.30 17.68 -0.59
CA ALA A 91 1.05 17.11 -0.72
C ALA A 91 1.37 16.93 -2.19
N ARG A 92 2.64 17.18 -2.54
CA ARG A 92 3.06 17.14 -3.93
C ARG A 92 3.90 15.91 -4.24
N ALA A 93 3.39 15.07 -5.14
CA ALA A 93 4.04 13.80 -5.47
C ALA A 93 5.47 14.03 -6.00
N SER A 94 5.66 15.11 -6.75
CA SER A 94 7.02 15.50 -7.12
C SER A 94 7.87 15.61 -5.85
N ARG A 95 7.73 16.71 -5.12
CA ARG A 95 8.65 16.98 -4.02
C ARG A 95 8.10 16.55 -2.68
N MET A 96 8.12 15.24 -2.47
CA MET A 96 7.60 14.64 -1.26
C MET A 96 8.33 15.15 -0.01
N CYS A 97 9.59 15.58 -0.18
CA CYS A 97 10.37 16.10 0.94
C CYS A 97 9.94 17.47 1.47
N SER A 98 9.11 18.20 0.71
CA SER A 98 8.54 19.48 1.17
C SER A 98 7.26 19.34 2.03
N SER A 99 6.78 18.10 2.21
CA SER A 99 5.73 17.82 3.18
C SER A 99 6.38 17.79 4.55
N PRO A 100 5.61 18.10 5.63
CA PRO A 100 6.12 18.05 7.01
C PRO A 100 6.88 16.77 7.31
N GLU A 101 7.96 16.86 8.07
CA GLU A 101 8.59 15.68 8.65
C GLU A 101 7.58 15.05 9.62
N THR A 102 7.45 13.73 9.56
CA THR A 102 6.35 13.06 10.26
C THR A 102 6.55 12.93 11.78
N GLY A 103 7.80 13.09 12.20
CA GLY A 103 8.15 13.01 13.61
C GLY A 103 8.21 11.59 14.14
N LEU A 104 8.40 10.61 13.25
CA LEU A 104 8.50 9.20 13.65
C LEU A 104 9.78 8.92 14.44
N SER A 105 9.71 7.97 15.37
CA SER A 105 10.89 7.54 16.13
C SER A 105 11.97 6.98 15.20
N LEU A 106 13.23 6.99 15.68
CA LEU A 106 14.36 6.39 14.94
C LEU A 106 14.21 4.87 14.77
N GLU A 107 13.62 4.19 15.75
CA GLU A 107 13.30 2.78 15.57
C GLU A 107 12.30 2.57 14.40
N THR A 108 11.20 3.33 14.44
CA THR A 108 10.16 3.24 13.43
C THR A 108 10.68 3.54 12.02
N ALA A 109 11.51 4.58 11.88
CA ALA A 109 12.03 4.99 10.59
C ALA A 109 12.99 3.94 10.01
N ALA A 110 13.67 3.24 10.91
CA ALA A 110 14.57 2.15 10.53
C ALA A 110 13.75 1.00 9.95
N LYS A 111 12.89 0.42 10.78
CA LYS A 111 11.95 -0.61 10.34
C LYS A 111 11.14 -0.21 9.09
N LEU A 112 10.70 1.04 9.01
CA LEU A 112 10.00 1.52 7.82
C LEU A 112 10.84 1.46 6.54
N SER A 113 12.05 2.03 6.58
CA SER A 113 12.86 2.08 5.38
C SER A 113 13.35 0.71 4.89
N GLU A 114 13.38 -0.29 5.79
CA GLU A 114 13.72 -1.65 5.36
C GLU A 114 12.65 -2.24 4.43
N VAL A 115 11.41 -1.80 4.60
CA VAL A 115 10.29 -2.31 3.78
C VAL A 115 9.64 -1.25 2.91
N MET A 116 10.22 -0.05 2.92
CA MET A 116 9.71 1.06 2.11
C MET A 116 10.87 1.84 1.49
N PRO A 117 11.41 1.34 0.38
CA PRO A 117 12.60 1.92 -0.27
C PRO A 117 12.54 3.46 -0.34
N GLY A 118 11.38 4.00 -0.70
CA GLY A 118 11.19 5.45 -0.82
C GLY A 118 11.14 6.29 0.47
N ALA A 119 11.16 5.66 1.64
CA ALA A 119 11.14 6.37 2.93
C ALA A 119 12.45 7.14 3.20
N GLY A 120 12.34 8.30 3.85
CA GLY A 120 13.50 9.09 4.31
C GLY A 120 14.43 9.52 3.19
N GLY A 121 15.68 9.87 3.56
CA GLY A 121 16.67 10.31 2.59
C GLY A 121 16.20 11.49 1.76
N ARG A 122 16.42 11.42 0.46
CA ARG A 122 16.01 12.49 -0.43
C ARG A 122 14.75 12.12 -1.20
N SER A 123 14.05 11.10 -0.71
CA SER A 123 12.81 10.61 -1.33
C SER A 123 11.55 11.01 -0.54
N CYS A 124 11.55 10.71 0.76
CA CYS A 124 10.53 11.17 1.70
C CYS A 124 9.12 10.68 1.35
N LEU A 125 9.00 9.51 0.73
CA LEU A 125 7.68 8.92 0.43
C LEU A 125 6.77 8.95 1.67
N GLU A 126 7.33 8.66 2.84
CA GLU A 126 6.52 8.61 4.06
C GLU A 126 5.95 9.99 4.45
N ARG A 127 6.63 11.08 4.05
CA ARG A 127 6.11 12.42 4.36
C ARG A 127 4.88 12.72 3.52
N TYR A 128 4.97 12.38 2.23
CA TYR A 128 3.87 12.50 1.29
C TYR A 128 2.67 11.63 1.76
N GLU A 129 2.95 10.36 2.12
CA GLU A 129 1.89 9.42 2.50
C GLU A 129 1.19 9.88 3.74
N TYR A 130 1.96 10.33 4.73
CA TYR A 130 1.35 10.82 5.96
C TYR A 130 0.52 12.09 5.73
N ALA A 131 1.01 12.96 4.85
CA ALA A 131 0.34 14.22 4.56
C ALA A 131 -1.04 14.03 3.87
N LYS A 132 -1.09 13.04 2.97
CA LYS A 132 -2.27 12.83 2.13
C LYS A 132 -3.27 11.94 2.88
N HIS A 133 -2.75 11.03 3.70
CA HIS A 133 -3.58 9.94 4.27
C HIS A 133 -3.60 9.88 5.79
N GLY A 134 -2.71 10.61 6.46
CA GLY A 134 -2.67 10.50 7.92
C GLY A 134 -2.83 11.74 8.79
N ALA A 135 -2.26 12.85 8.36
CA ALA A 135 -2.21 14.07 9.18
C ALA A 135 -3.62 14.54 9.60
N CYS A 136 -4.57 14.60 8.66
CA CYS A 136 -5.90 15.06 9.04
C CYS A 136 -6.58 14.18 10.08
N PHE A 137 -6.15 12.92 10.21
CA PHE A 137 -6.71 12.01 11.19
C PHE A 137 -6.04 12.13 12.55
N GLY A 138 -4.95 12.88 12.59
CA GLY A 138 -4.11 12.91 13.81
C GLY A 138 -3.49 11.60 14.22
N PHE A 139 -3.28 10.67 13.28
CA PHE A 139 -2.72 9.36 13.62
C PHE A 139 -1.33 9.54 14.22
N ASP A 140 -1.02 8.81 15.29
CA ASP A 140 0.34 8.76 15.78
C ASP A 140 1.18 8.18 14.64
N PRO A 141 2.23 8.90 14.20
CA PRO A 141 3.08 8.47 13.07
C PRO A 141 3.72 7.10 13.31
N ASP A 142 4.17 6.85 14.54
CA ASP A 142 4.75 5.58 14.92
C ASP A 142 3.74 4.41 14.88
N ALA A 143 2.53 4.61 15.40
CA ALA A 143 1.51 3.58 15.28
C ALA A 143 1.12 3.38 13.80
N TYR A 144 1.06 4.47 13.04
CA TYR A 144 0.60 4.43 11.64
C TYR A 144 1.58 3.64 10.77
N PHE A 145 2.83 4.04 10.80
CA PHE A 145 3.82 3.37 10.01
C PHE A 145 4.22 2.03 10.59
N GLY A 146 4.17 1.90 11.91
CA GLY A 146 4.44 0.58 12.51
C GLY A 146 3.35 -0.43 12.11
N THR A 147 2.15 0.08 11.92
CA THR A 147 0.99 -0.77 11.59
C THR A 147 1.10 -1.27 10.14
N MET A 148 1.50 -0.38 9.24
CA MET A 148 1.56 -0.82 7.82
C MET A 148 2.72 -1.78 7.64
N VAL A 149 3.80 -1.55 8.39
CA VAL A 149 4.93 -2.49 8.40
C VAL A 149 4.48 -3.86 8.88
N ARG A 150 3.74 -3.90 9.99
CA ARG A 150 3.27 -5.18 10.51
C ARG A 150 2.36 -5.90 9.50
N LEU A 151 1.44 -5.13 8.90
CA LEU A 151 0.49 -5.73 7.96
C LEU A 151 1.18 -6.29 6.73
N ASN A 152 2.16 -5.56 6.24
CA ASN A 152 2.92 -6.04 5.09
C ASN A 152 3.61 -7.36 5.45
N GLN A 153 4.21 -7.41 6.64
CA GLN A 153 4.86 -8.65 7.08
C GLN A 153 3.84 -9.82 7.16
N GLU A 154 2.65 -9.55 7.66
CA GLU A 154 1.59 -10.58 7.71
C GLU A 154 1.22 -11.07 6.30
N ILE A 155 1.12 -10.16 5.33
CA ILE A 155 0.84 -10.56 3.96
C ILE A 155 2.01 -11.42 3.43
N LYS A 156 3.23 -10.89 3.58
CA LYS A 156 4.42 -11.59 3.08
C LYS A 156 4.52 -13.00 3.64
N GLU A 157 4.15 -13.15 4.91
CA GLU A 157 4.21 -14.45 5.61
C GLU A 157 3.05 -15.40 5.32
N SER A 158 1.95 -14.85 4.80
CA SER A 158 0.77 -15.65 4.39
C SER A 158 1.05 -16.49 3.16
N GLU A 159 0.07 -17.29 2.77
CA GLU A 159 0.16 -18.09 1.53
C GLU A 159 0.13 -17.20 0.30
N ALA A 160 -0.38 -15.97 0.43
CA ALA A 160 -0.34 -15.03 -0.70
C ALA A 160 1.10 -14.59 -0.92
N GLY A 161 1.79 -14.28 0.17
CA GLY A 161 3.21 -13.90 0.08
C GLY A 161 4.08 -15.05 -0.43
N LYS A 162 3.86 -16.23 0.14
CA LYS A 162 4.54 -17.46 -0.30
C LYS A 162 4.28 -17.71 -1.77
N PHE A 163 3.03 -17.50 -2.17
CA PHE A 163 2.69 -17.58 -3.61
C PHE A 163 3.59 -16.71 -4.47
N LEU A 164 3.72 -15.41 -4.15
CA LEU A 164 4.59 -14.51 -4.89
C LEU A 164 6.02 -15.03 -4.99
N ALA A 165 6.54 -15.55 -3.88
CA ALA A 165 7.94 -15.97 -3.74
C ALA A 165 8.18 -17.22 -4.58
N ASP A 166 7.29 -18.20 -4.42
CA ASP A 166 7.34 -19.46 -5.17
C ASP A 166 7.19 -19.28 -6.67
N ASN A 167 6.43 -18.27 -7.09
CA ASN A 167 6.21 -18.01 -8.51
C ASN A 167 7.02 -16.83 -9.04
N TYR A 168 8.14 -16.54 -8.37
CA TYR A 168 8.99 -15.45 -8.77
C TYR A 168 9.44 -15.64 -10.21
N GLY A 169 9.15 -14.66 -11.06
CA GLY A 169 9.54 -14.74 -12.48
C GLY A 169 8.55 -15.46 -13.36
N LYS A 170 7.56 -16.08 -12.75
CA LYS A 170 6.62 -16.97 -13.46
C LYS A 170 5.33 -16.27 -13.89
N THR A 171 4.59 -16.91 -14.79
CA THR A 171 3.32 -16.40 -15.24
C THR A 171 2.28 -17.15 -14.43
N VAL A 172 1.44 -16.44 -13.69
CA VAL A 172 0.43 -17.07 -12.84
C VAL A 172 -0.97 -16.66 -13.27
N SER A 173 -1.96 -17.43 -12.84
CA SER A 173 -3.32 -17.10 -13.10
C SER A 173 -3.89 -16.37 -11.86
N ARG A 174 -4.84 -15.48 -12.12
CA ARG A 174 -5.57 -14.80 -11.05
C ARG A 174 -6.26 -15.87 -10.20
N ARG A 175 -6.73 -16.95 -10.84
CA ARG A 175 -7.37 -18.08 -10.17
C ARG A 175 -6.45 -18.66 -9.09
N ASP A 176 -5.20 -18.89 -9.45
CA ASP A 176 -4.25 -19.48 -8.51
C ASP A 176 -3.78 -18.50 -7.43
N PHE A 177 -3.66 -17.23 -7.80
CA PHE A 177 -3.33 -16.19 -6.81
C PHE A 177 -4.44 -16.12 -5.78
N ASP A 178 -5.69 -16.10 -6.25
CA ASP A 178 -6.87 -16.06 -5.39
C ASP A 178 -6.92 -17.27 -4.45
N ALA A 179 -6.61 -18.45 -4.99
CA ALA A 179 -6.63 -19.67 -4.17
C ALA A 179 -5.57 -19.61 -3.07
N ALA A 180 -4.41 -19.05 -3.36
CA ALA A 180 -3.39 -18.86 -2.31
C ALA A 180 -3.88 -17.92 -1.22
N PHE A 181 -4.43 -16.77 -1.63
CA PHE A 181 -4.99 -15.84 -0.67
C PHE A 181 -6.07 -16.52 0.17
N ALA A 182 -6.95 -17.27 -0.50
CA ALA A 182 -8.01 -18.03 0.13
C ALA A 182 -7.49 -19.10 1.12
N LYS A 183 -6.34 -19.71 0.83
CA LYS A 183 -5.73 -20.70 1.73
C LYS A 183 -5.45 -20.10 3.11
N SER A 184 -5.11 -18.81 3.15
CA SER A 184 -4.84 -18.17 4.43
C SER A 184 -6.07 -17.51 5.06
N TRP A 185 -6.90 -16.84 4.22
CA TRP A 185 -7.94 -15.96 4.74
C TRP A 185 -9.37 -16.35 4.32
N GLY A 186 -9.51 -17.33 3.44
CA GLY A 186 -10.83 -17.88 3.01
C GLY A 186 -11.29 -17.34 1.66
N LYS A 187 -12.11 -18.10 0.92
CA LYS A 187 -12.57 -17.62 -0.40
C LYS A 187 -13.50 -16.41 -0.31
N GLU A 188 -14.19 -16.24 0.81
CA GLU A 188 -15.12 -15.14 0.96
C GLU A 188 -14.41 -13.79 1.03
N ASN A 189 -13.08 -13.80 1.14
CA ASN A 189 -12.34 -12.56 1.30
C ASN A 189 -11.46 -12.23 0.13
N VAL A 190 -11.49 -13.06 -0.91
CA VAL A 190 -10.62 -12.90 -2.10
C VAL A 190 -10.88 -11.55 -2.77
N LYS A 191 -12.12 -11.06 -2.70
CA LYS A 191 -12.46 -9.80 -3.35
C LYS A 191 -12.00 -8.55 -2.62
N ALA A 192 -11.34 -8.72 -1.46
CA ALA A 192 -10.78 -7.56 -0.72
C ALA A 192 -9.54 -7.06 -1.45
N VAL A 193 -9.07 -7.83 -2.43
CA VAL A 193 -7.84 -7.54 -3.14
C VAL A 193 -8.01 -7.02 -4.59
N LYS A 194 -7.29 -5.93 -4.87
CA LYS A 194 -7.19 -5.37 -6.25
C LYS A 194 -5.74 -5.43 -6.64
N LEU A 195 -5.47 -5.94 -7.85
CA LEU A 195 -4.10 -6.09 -8.34
C LEU A 195 -3.90 -5.07 -9.44
N THR A 196 -2.74 -4.45 -9.48
CA THR A 196 -2.47 -3.56 -10.58
C THR A 196 -1.28 -4.15 -11.36
N CYS A 197 -1.34 -3.98 -12.67
CA CYS A 197 -0.29 -4.47 -13.54
C CYS A 197 0.03 -3.38 -14.54
N GLN A 198 1.16 -3.57 -15.22
CA GLN A 198 1.51 -2.75 -16.35
C GLN A 198 1.99 -3.63 -17.47
N GLY A 199 1.93 -3.10 -18.70
CA GLY A 199 2.48 -3.90 -19.82
C GLY A 199 1.52 -4.88 -20.44
N ASN A 200 1.88 -5.39 -21.62
CA ASN A 200 1.12 -6.46 -22.26
C ASN A 200 2.20 -7.36 -22.89
N PRO A 201 2.49 -8.56 -22.31
CA PRO A 201 1.80 -9.24 -21.21
C PRO A 201 1.86 -8.41 -19.92
N ALA A 202 0.83 -8.56 -19.11
CA ALA A 202 0.72 -7.86 -17.85
C ALA A 202 1.73 -8.38 -16.84
N TYR A 203 2.38 -7.46 -16.11
CA TYR A 203 3.22 -7.84 -15.01
C TYR A 203 2.80 -7.09 -13.74
N LEU A 204 2.76 -7.82 -12.62
CA LEU A 204 2.29 -7.29 -11.36
C LEU A 204 3.07 -6.08 -10.84
N THR A 205 2.38 -5.00 -10.44
CA THR A 205 3.10 -3.84 -9.86
C THR A 205 2.58 -3.45 -8.48
N GLU A 206 1.31 -3.77 -8.18
CA GLU A 206 0.77 -3.36 -6.90
C GLU A 206 -0.34 -4.31 -6.42
N ILE A 207 -0.46 -4.41 -5.10
CA ILE A 207 -1.50 -5.18 -4.43
C ILE A 207 -2.16 -4.25 -3.42
N GLN A 208 -3.47 -4.04 -3.55
CA GLN A 208 -4.21 -3.20 -2.58
C GLN A 208 -5.26 -4.04 -1.88
N ILE A 209 -5.27 -4.03 -0.55
CA ILE A 209 -6.19 -4.93 0.21
C ILE A 209 -7.04 -4.08 1.14
N SER A 210 -8.35 -4.25 1.04
CA SER A 210 -9.27 -3.46 1.85
C SER A 210 -9.52 -4.16 3.19
N ILE A 211 -9.25 -3.43 4.28
CA ILE A 211 -9.32 -3.95 5.66
C ILE A 211 -10.34 -3.18 6.45
N LYS A 212 -11.15 -3.88 7.25
CA LYS A 212 -12.13 -3.19 8.08
C LYS A 212 -11.40 -2.28 9.05
N ALA A 213 -11.90 -1.04 9.21
CA ALA A 213 -11.24 -0.09 10.07
C ALA A 213 -11.20 -0.65 11.52
N ASP A 214 -12.27 -1.28 11.96
CA ASP A 214 -12.22 -1.82 13.34
C ASP A 214 -11.31 -3.02 13.59
N ALA A 215 -10.78 -3.60 12.52
CA ALA A 215 -9.91 -4.76 12.60
C ALA A 215 -8.47 -4.36 12.39
N ILE A 216 -8.21 -3.07 12.20
CA ILE A 216 -6.85 -2.62 11.84
C ILE A 216 -5.76 -2.92 12.88
N ASN A 217 -6.14 -2.98 14.15
CA ASN A 217 -5.16 -3.17 15.19
C ASN A 217 -4.97 -4.62 15.61
N ALA A 218 -5.63 -5.54 14.91
CA ALA A 218 -5.47 -6.97 15.16
C ALA A 218 -4.70 -7.67 14.05
N PRO A 219 -4.04 -8.80 14.37
CA PRO A 219 -3.46 -9.55 13.26
C PRO A 219 -4.57 -9.89 12.27
N LEU A 220 -4.23 -9.96 10.99
CA LEU A 220 -5.23 -10.31 9.96
C LEU A 220 -5.81 -11.67 10.19
N SER A 221 -7.09 -11.81 9.90
CA SER A 221 -7.76 -13.10 10.10
C SER A 221 -8.96 -13.07 9.18
N ALA A 222 -9.74 -14.16 9.16
CA ALA A 222 -10.95 -14.25 8.32
C ALA A 222 -11.91 -13.08 8.39
N ASN A 223 -11.89 -12.39 9.53
CA ASN A 223 -12.84 -11.31 9.79
C ASN A 223 -12.29 -9.91 9.53
N SER A 224 -11.08 -9.81 8.97
CA SER A 224 -10.42 -8.52 8.81
C SER A 224 -10.77 -7.75 7.56
N PHE A 225 -11.32 -8.43 6.55
CA PHE A 225 -11.36 -7.88 5.19
C PHE A 225 -12.72 -7.35 4.74
N LEU A 226 -12.70 -6.49 3.74
CA LEU A 226 -13.92 -6.02 3.13
C LEU A 226 -13.85 -6.24 1.63
N PRO A 227 -14.71 -7.12 1.10
CA PRO A 227 -14.71 -7.31 -0.33
C PRO A 227 -15.02 -5.99 -1.02
N GLN A 228 -14.40 -5.75 -2.17
CA GLN A 228 -14.61 -4.51 -2.88
C GLN A 228 -14.76 -4.85 -4.38
N PRO A 229 -15.24 -3.89 -5.16
CA PRO A 229 -15.74 -4.22 -6.50
C PRO A 229 -14.70 -4.29 -7.66
N HIS A 230 -13.43 -3.96 -7.39
CA HIS A 230 -12.40 -3.84 -8.43
C HIS A 230 -11.29 -4.91 -8.29
N PRO A 231 -11.31 -5.96 -9.14
CA PRO A 231 -10.24 -6.98 -9.11
C PRO A 231 -8.93 -6.41 -9.67
N GLY A 232 -9.01 -5.35 -10.47
CA GLY A 232 -7.82 -4.63 -10.98
C GLY A 232 -7.66 -4.77 -12.48
N ASN A 233 -6.46 -4.49 -12.99
CA ASN A 233 -6.24 -4.46 -14.48
C ASN A 233 -5.24 -5.46 -14.96
N CYS A 234 -5.05 -6.54 -14.19
CA CYS A 234 -4.13 -7.60 -14.59
C CYS A 234 -4.67 -8.68 -15.56
N GLY A 235 -5.98 -8.86 -15.60
CA GLY A 235 -6.62 -9.87 -16.42
C GLY A 235 -6.42 -11.27 -15.85
N LYS A 236 -6.62 -12.28 -16.67
CA LYS A 236 -6.64 -13.67 -16.17
C LYS A 236 -5.30 -14.24 -15.74
N THR A 237 -4.23 -13.84 -16.43
CA THR A 237 -2.88 -14.32 -16.16
C THR A 237 -1.94 -13.12 -16.23
N PHE A 238 -0.86 -13.17 -15.47
CA PHE A 238 0.11 -12.10 -15.43
C PHE A 238 1.42 -12.64 -14.90
N VAL A 239 2.45 -11.82 -15.04
CA VAL A 239 3.81 -12.17 -14.61
C VAL A 239 4.17 -11.61 -13.23
N ILE A 240 4.77 -12.44 -12.40
CA ILE A 240 5.34 -11.98 -11.14
C ILE A 240 6.77 -11.53 -11.47
N ASP A 241 6.86 -10.27 -11.84
CA ASP A 241 8.05 -9.58 -12.35
C ASP A 241 9.29 -9.82 -11.50
N LYS A 242 10.42 -10.17 -12.12
CA LYS A 242 11.67 -10.29 -11.38
C LYS A 242 12.45 -8.97 -11.42
N ALA A 243 13.50 -8.83 -10.60
CA ALA A 243 14.31 -7.60 -10.60
C ALA A 243 15.50 -7.69 -11.58
N GLY A 244 15.83 -6.56 -12.21
CA GLY A 244 16.93 -6.49 -13.19
C GLY A 244 16.54 -5.73 -14.45
N TYR A 245 15.70 -4.71 -14.27
CA TYR A 245 15.19 -3.84 -15.35
C TYR A 245 16.30 -3.08 -16.11
N9A GPG B . -4.47 5.35 -10.33
C8A GPG B . -3.29 5.43 -9.68
N7A GPG B . -2.81 6.72 -9.54
C5A GPG B . -3.72 7.50 -10.18
C6A GPG B . -3.90 8.94 -10.47
O6A GPG B . -3.02 9.77 -10.06
N1A GPG B . -4.99 9.35 -11.15
C2A GPG B . -5.95 8.50 -11.61
N2A GPG B . -6.96 9.06 -12.30
N3A GPG B . -5.90 7.14 -11.43
C4A GPG B . -4.78 6.60 -10.67
O5D GPG B . -9.22 1.97 -11.89
C5D GPG B . -8.35 3.04 -11.49
C4D GPG B . -6.87 2.68 -11.59
O4D GPG B . -5.98 3.83 -11.74
C3D GPG B . -6.61 2.07 -10.26
O3D GPG B . -5.65 1.07 -10.66
C2D GPG B . -5.76 3.07 -9.52
O2D GPG B . -5.35 2.68 -8.17
C1D GPG B . -5.15 4.01 -10.56
P GPG B . -6.61 2.84 -7.12
O1P GPG B . -7.76 1.81 -7.56
O2P GPG B . -7.14 4.36 -7.23
O5E GPG B . -6.37 2.60 -5.54
C5E GPG B . -7.30 3.10 -4.57
C4E GPG B . -6.66 4.33 -3.90
O4E GPG B . -5.49 4.88 -4.54
C3E GPG B . -7.49 5.48 -3.32
O3E GPG B . -7.95 5.21 -1.99
C2E GPG B . -6.64 6.76 -3.51
O2E GPG B . -6.21 7.50 -2.38
C1E GPG B . -5.37 6.27 -4.17
N9B GPG B . -4.56 7.18 -5.01
C8B GPG B . -4.77 7.72 -6.26
N7B GPG B . -3.70 8.53 -6.64
C5B GPG B . -2.76 8.48 -5.63
C6B GPG B . -1.45 9.05 -5.27
O6B GPG B . -0.84 9.80 -6.08
N1B GPG B . -0.86 8.73 -4.06
C2B GPG B . -1.42 7.93 -3.13
N2B GPG B . -0.77 7.73 -1.95
N3B GPG B . -2.66 7.37 -3.34
C4B GPG B . -3.34 7.62 -4.62
#